data_3MZ2
#
_entry.id   3MZ2
#
_cell.length_a   53.577
_cell.length_b   90.481
_cell.length_c   60.373
_cell.angle_alpha   90.000
_cell.angle_beta   111.950
_cell.angle_gamma   90.000
#
_symmetry.space_group_name_H-M   'P 1 21 1'
#
loop_
_entity.id
_entity.type
_entity.pdbx_description
1 polymer 'Glycerophosphoryl diester phosphodiesterase'
2 non-polymer 'SULFATE ION'
3 non-polymer 'TETRAETHYLENE GLYCOL'
4 non-polymer 'SODIUM ION'
5 non-polymer 2-{2-[2-(2-{2-[2-(2-ETHOXY-ETHOXY)-ETHOXY]-ETHOXY}-ETHOXY)-ETHOXY]-ETHOXY}-ETHANOL
6 water water
#
_entity_poly.entity_id   1
_entity_poly.type   'polypeptide(L)'
_entity_poly.pdbx_seq_one_letter_code
;GEELEYKG(MSE)NTLQISNVDDLISFYQYADDRIPLISGHRGGRGKGYPENS(MSE)ETFENTLSYTPATFEIDPRLTK
DSVIVLFHDDTLERTSNGTGKVSDYTWEELQNFRLKDPEGNITNYRIPTLEEAIRWARGKTILILDKKDVP(MSE)ERTA
QLITD(MSE)QAEPYV(MSE)ITVHDGASARFFYEKNPNF(MSE)FEAFVKTKEAVQDYEDNGIPWSHI(MSE)AYVGPK
ITPEVREVID(MSE)LHERGV(MSE)C(MSE)ISTAPSDDKLSTPESRAEAYR(MSE)IIRQGVDIIESDRPIEVAEAIS
SLIPVSSSKGKFFSTL
;
_entity_poly.pdbx_strand_id   A,B
#
# COMPACT_ATOMS: atom_id res chain seq x y z
N GLY A 8 29.60 -21.21 -3.77
CA GLY A 8 29.52 -21.59 -2.32
C GLY A 8 28.63 -20.60 -1.56
N ASN A 10 25.95 -19.70 1.95
CA ASN A 10 25.36 -19.95 3.26
C ASN A 10 23.88 -20.26 3.07
N THR A 11 23.42 -21.29 3.77
CA THR A 11 22.04 -21.69 3.72
C THR A 11 21.43 -21.78 5.11
N LEU A 12 20.11 -21.64 5.16
CA LEU A 12 19.34 -22.04 6.31
C LEU A 12 18.78 -23.47 6.11
N GLN A 13 18.68 -24.20 7.19
CA GLN A 13 18.25 -25.60 7.18
C GLN A 13 16.94 -25.75 7.93
N ILE A 14 15.85 -25.56 7.20
CA ILE A 14 14.49 -25.49 7.73
C ILE A 14 13.67 -26.43 6.88
N SER A 15 13.34 -27.61 7.41
CA SER A 15 12.74 -28.65 6.58
CA SER A 15 12.75 -28.64 6.58
C SER A 15 11.21 -28.60 6.55
N ASN A 16 10.60 -27.90 7.50
CA ASN A 16 9.14 -27.91 7.60
C ASN A 16 8.68 -26.74 8.46
N VAL A 17 7.37 -26.55 8.63
CA VAL A 17 6.83 -25.44 9.40
C VAL A 17 7.27 -25.49 10.87
N ASP A 18 7.34 -26.69 11.50
CA ASP A 18 7.85 -26.77 12.87
C ASP A 18 9.30 -26.23 12.99
N ASP A 19 10.14 -26.53 12.00
CA ASP A 19 11.50 -26.01 12.01
C ASP A 19 11.51 -24.48 11.87
N LEU A 20 10.57 -23.95 11.09
CA LEU A 20 10.53 -22.52 10.84
C LEU A 20 10.08 -21.83 12.11
N ILE A 21 9.07 -22.38 12.78
CA ILE A 21 8.60 -21.82 14.07
C ILE A 21 9.74 -21.85 15.08
N SER A 22 10.45 -22.98 15.14
CA SER A 22 11.57 -23.10 16.04
CA SER A 22 11.57 -23.10 16.06
C SER A 22 12.65 -22.06 15.78
N PHE A 23 12.99 -21.91 14.49
CA PHE A 23 14.01 -20.96 14.05
C PHE A 23 13.70 -19.57 14.61
N TYR A 24 12.43 -19.20 14.57
CA TYR A 24 11.98 -17.87 15.00
C TYR A 24 11.49 -17.81 16.47
N GLN A 25 11.63 -18.89 17.24
CA GLN A 25 11.35 -18.82 18.68
CA GLN A 25 11.34 -18.82 18.68
C GLN A 25 12.51 -18.14 19.37
N TYR A 26 12.23 -17.00 19.98
CA TYR A 26 13.24 -16.28 20.74
C TYR A 26 13.89 -17.19 21.76
N ALA A 27 15.22 -17.09 21.83
CA ALA A 27 16.01 -17.74 22.84
C ALA A 27 17.09 -16.76 23.28
N ASP A 28 17.54 -16.87 24.53
CA ASP A 28 18.54 -15.91 25.00
CA ASP A 28 18.62 -16.07 25.10
C ASP A 28 19.89 -16.11 24.24
N ASP A 29 20.22 -17.31 23.80
CA ASP A 29 21.46 -17.54 23.02
C ASP A 29 21.29 -17.45 21.50
N ARG A 30 20.24 -16.78 21.06
CA ARG A 30 19.98 -16.67 19.63
CA ARG A 30 19.97 -16.63 19.63
C ARG A 30 21.15 -16.04 18.87
N ILE A 31 21.25 -16.41 17.59
CA ILE A 31 22.24 -15.86 16.65
C ILE A 31 21.60 -14.62 16.00
N PRO A 32 22.34 -13.51 15.97
CA PRO A 32 21.80 -12.33 15.27
C PRO A 32 21.51 -12.69 13.82
N LEU A 33 20.36 -12.24 13.33
CA LEU A 33 19.90 -12.55 11.97
C LEU A 33 19.94 -11.37 11.02
N ILE A 34 20.08 -11.62 9.72
CA ILE A 34 20.10 -10.59 8.71
C ILE A 34 19.06 -10.90 7.63
N SER A 35 18.33 -9.88 7.25
CA SER A 35 17.37 -9.99 6.15
C SER A 35 17.68 -8.93 5.10
N GLY A 36 17.72 -9.34 3.83
CA GLY A 36 17.99 -8.45 2.73
C GLY A 36 16.75 -7.74 2.34
N HIS A 37 16.70 -6.44 2.61
CA HIS A 37 15.63 -5.56 2.15
C HIS A 37 15.56 -5.47 0.63
N ARG A 38 14.38 -5.79 0.11
CA ARG A 38 14.11 -5.83 -1.34
C ARG A 38 15.15 -6.70 -1.99
N GLY A 39 15.65 -7.70 -1.26
CA GLY A 39 16.71 -8.57 -1.65
C GLY A 39 18.15 -8.22 -1.32
N GLY A 40 18.40 -7.03 -0.77
CA GLY A 40 19.76 -6.46 -0.71
C GLY A 40 20.13 -5.86 -2.06
N ARG A 41 21.11 -4.98 -2.08
CA ARG A 41 21.61 -4.40 -3.30
C ARG A 41 23.02 -3.88 -3.13
N GLY A 42 23.64 -3.62 -4.26
CA GLY A 42 25.02 -3.11 -4.31
C GLY A 42 25.49 -2.91 -5.72
N LYS A 43 26.74 -2.46 -5.87
CA LYS A 43 27.31 -2.26 -7.18
C LYS A 43 27.28 -3.56 -7.99
N GLY A 44 26.63 -3.53 -9.15
CA GLY A 44 26.41 -4.73 -9.94
C GLY A 44 25.30 -5.69 -9.49
N TYR A 45 24.59 -5.35 -8.42
CA TYR A 45 23.59 -6.23 -7.80
C TYR A 45 22.30 -5.46 -7.53
N PRO A 46 21.37 -5.50 -8.50
CA PRO A 46 20.10 -4.84 -8.32
C PRO A 46 19.16 -5.43 -7.24
N GLU A 47 18.31 -4.58 -6.71
CA GLU A 47 17.13 -4.99 -5.91
C GLU A 47 16.34 -6.05 -6.61
N ASN A 48 15.71 -6.93 -5.84
CA ASN A 48 14.74 -7.89 -6.38
C ASN A 48 15.28 -8.64 -7.60
N SER A 49 16.50 -9.16 -7.45
CA SER A 49 17.11 -9.95 -8.50
CA SER A 49 17.19 -9.90 -8.49
C SER A 49 17.66 -11.23 -7.93
N GLU A 51 20.24 -12.74 -8.83
CA GLU A 51 21.69 -12.61 -8.73
C GLU A 51 22.07 -11.98 -7.38
N THR A 52 21.33 -10.99 -6.96
CA THR A 52 21.64 -10.35 -5.68
CA THR A 52 21.61 -10.33 -5.66
C THR A 52 21.38 -11.25 -4.49
N PHE A 53 20.32 -12.06 -4.56
CA PHE A 53 20.07 -13.02 -3.50
C PHE A 53 21.26 -13.97 -3.37
N GLU A 54 21.69 -14.52 -4.51
CA GLU A 54 22.80 -15.48 -4.53
C GLU A 54 24.12 -14.86 -4.01
N ASN A 55 24.40 -13.66 -4.47
CA ASN A 55 25.57 -12.90 -4.00
C ASN A 55 25.52 -12.69 -2.50
N THR A 56 24.40 -12.26 -1.96
CA THR A 56 24.31 -12.08 -0.52
C THR A 56 24.62 -13.38 0.24
N LEU A 57 24.01 -14.51 -0.15
CA LEU A 57 24.32 -15.77 0.51
C LEU A 57 25.78 -16.23 0.47
N SER A 58 26.56 -15.78 -0.53
CA SER A 58 27.98 -16.11 -0.58
CA SER A 58 27.97 -16.14 -0.56
C SER A 58 28.77 -15.51 0.59
N TYR A 59 28.26 -14.41 1.16
CA TYR A 59 28.89 -13.72 2.31
C TYR A 59 28.20 -13.97 3.66
N THR A 60 26.89 -14.18 3.66
CA THR A 60 26.17 -14.35 4.88
C THR A 60 24.90 -15.17 4.74
N PRO A 61 24.52 -15.95 5.77
CA PRO A 61 23.13 -16.42 5.76
C PRO A 61 22.18 -15.24 5.87
N ALA A 62 21.05 -15.30 5.18
CA ALA A 62 20.08 -14.24 5.23
C ALA A 62 18.74 -14.78 4.74
N THR A 63 17.67 -14.09 5.12
CA THR A 63 16.36 -14.18 4.52
C THR A 63 16.23 -12.99 3.58
N PHE A 64 15.23 -13.05 2.70
CA PHE A 64 15.04 -11.97 1.71
C PHE A 64 13.59 -11.49 1.70
N GLU A 65 13.44 -10.19 1.90
CA GLU A 65 12.15 -9.52 1.83
C GLU A 65 12.03 -9.01 0.39
N ILE A 66 10.95 -9.37 -0.31
CA ILE A 66 10.83 -9.11 -1.72
C ILE A 66 9.47 -8.48 -2.05
N ASP A 67 9.36 -7.95 -3.27
CA ASP A 67 8.24 -7.14 -3.72
C ASP A 67 7.48 -7.77 -4.91
N PRO A 68 6.50 -8.65 -4.63
CA PRO A 68 5.70 -9.26 -5.69
C PRO A 68 4.69 -8.27 -6.25
N ARG A 69 4.61 -8.22 -7.58
CA ARG A 69 3.62 -7.41 -8.25
C ARG A 69 3.30 -8.00 -9.63
N LEU A 70 2.27 -7.46 -10.23
CA LEU A 70 1.64 -8.07 -11.40
C LEU A 70 2.02 -7.45 -12.75
N THR A 71 2.18 -8.29 -13.74
CA THR A 71 2.39 -7.87 -15.12
C THR A 71 1.05 -7.67 -15.80
N LYS A 72 1.09 -7.27 -17.06
CA LYS A 72 -0.14 -7.10 -17.85
CA LYS A 72 -0.15 -7.10 -17.83
C LYS A 72 -0.90 -8.41 -17.97
N ASP A 73 -0.15 -9.52 -18.04
CA ASP A 73 -0.77 -10.85 -18.13
C ASP A 73 -0.88 -11.60 -16.78
N SER A 74 -0.84 -10.84 -15.67
CA SER A 74 -1.16 -11.33 -14.34
CA SER A 74 -1.15 -11.34 -14.33
C SER A 74 -0.13 -12.36 -13.80
N VAL A 75 1.10 -12.28 -14.34
CA VAL A 75 2.23 -13.00 -13.83
C VAL A 75 2.77 -12.18 -12.65
N ILE A 76 3.10 -12.87 -11.56
CA ILE A 76 3.74 -12.21 -10.43
C ILE A 76 5.27 -12.16 -10.62
N VAL A 77 5.80 -10.92 -10.67
CA VAL A 77 7.22 -10.66 -10.76
C VAL A 77 7.71 -9.91 -9.52
N LEU A 78 9.02 -9.83 -9.31
CA LEU A 78 9.59 -9.10 -8.17
C LEU A 78 10.10 -7.78 -8.70
N PHE A 79 9.53 -6.68 -8.21
CA PHE A 79 9.89 -5.36 -8.64
C PHE A 79 9.21 -4.35 -7.69
N HIS A 80 9.97 -3.47 -7.08
CA HIS A 80 9.41 -2.62 -6.02
C HIS A 80 8.49 -1.48 -6.51
N ASP A 81 9.01 -0.66 -7.40
CA ASP A 81 8.38 0.62 -7.77
C ASP A 81 7.20 0.47 -8.71
N ASP A 82 6.40 1.55 -8.71
CA ASP A 82 5.25 1.71 -9.59
C ASP A 82 5.72 2.07 -11.00
N THR A 83 6.96 2.48 -11.17
CA THR A 83 7.47 2.78 -12.51
C THR A 83 8.79 2.02 -12.69
N LEU A 84 9.12 1.71 -13.93
CA LEU A 84 10.35 0.95 -14.26
C LEU A 84 11.68 1.68 -14.20
N GLU A 85 11.71 3.03 -14.23
CA GLU A 85 12.96 3.80 -14.43
C GLU A 85 14.06 3.68 -13.39
N ARG A 86 13.75 3.63 -12.09
CA ARG A 86 14.80 3.60 -11.07
C ARG A 86 15.69 2.33 -11.11
N THR A 87 15.10 1.15 -11.20
CA THR A 87 15.89 -0.07 -11.08
C THR A 87 15.87 -0.91 -12.35
N SER A 88 15.52 -0.28 -13.47
CA SER A 88 15.63 -0.90 -14.81
C SER A 88 15.87 0.15 -15.93
N ASN A 89 16.17 -0.35 -17.13
CA ASN A 89 16.26 0.52 -18.31
C ASN A 89 14.93 0.69 -19.06
N GLY A 90 13.83 0.28 -18.44
CA GLY A 90 12.50 0.43 -19.03
C GLY A 90 11.84 1.73 -18.62
N THR A 91 10.68 2.01 -19.22
CA THR A 91 9.82 3.14 -18.83
C THR A 91 8.38 2.66 -18.76
N GLY A 92 7.55 3.33 -17.97
CA GLY A 92 6.15 2.96 -17.76
C GLY A 92 6.00 2.09 -16.52
N LYS A 93 4.80 1.50 -16.37
CA LYS A 93 4.42 0.64 -15.24
C LYS A 93 4.78 -0.82 -15.56
N VAL A 94 5.18 -1.59 -14.58
CA VAL A 94 5.28 -3.04 -14.77
C VAL A 94 3.97 -3.60 -15.37
N SER A 95 2.82 -3.14 -14.88
CA SER A 95 1.56 -3.73 -15.33
C SER A 95 1.19 -3.33 -16.76
N ASP A 96 1.94 -2.44 -17.41
CA ASP A 96 1.73 -2.18 -18.87
C ASP A 96 2.33 -3.26 -19.79
N TYR A 97 3.14 -4.16 -19.25
CA TYR A 97 3.91 -5.10 -20.07
C TYR A 97 3.60 -6.53 -19.69
N THR A 98 3.54 -7.41 -20.67
CA THR A 98 3.50 -8.83 -20.38
C THR A 98 4.83 -9.24 -19.81
N TRP A 99 4.85 -10.42 -19.18
CA TRP A 99 6.07 -11.02 -18.66
C TRP A 99 7.11 -11.10 -19.79
N GLU A 100 6.71 -11.62 -20.95
CA GLU A 100 7.64 -11.75 -22.06
C GLU A 100 8.23 -10.41 -22.49
N GLU A 101 7.40 -9.36 -22.56
CA GLU A 101 7.90 -8.02 -22.88
C GLU A 101 8.86 -7.49 -21.82
N LEU A 102 8.53 -7.73 -20.56
CA LEU A 102 9.38 -7.32 -19.43
C LEU A 102 10.78 -7.93 -19.50
N GLN A 103 10.88 -9.12 -20.09
CA GLN A 103 12.17 -9.80 -20.23
C GLN A 103 13.12 -9.07 -21.13
N ASN A 104 12.62 -8.17 -21.96
CA ASN A 104 13.48 -7.33 -22.77
C ASN A 104 14.22 -6.25 -22.00
N PHE A 105 13.72 -5.89 -20.82
CA PHE A 105 14.40 -4.88 -19.99
C PHE A 105 15.48 -5.48 -19.12
N ARG A 106 16.37 -4.63 -18.62
CA ARG A 106 17.47 -5.06 -17.75
C ARG A 106 17.46 -4.21 -16.50
N LEU A 107 17.87 -4.83 -15.40
CA LEU A 107 17.86 -4.18 -14.12
C LEU A 107 19.09 -3.31 -13.93
N LYS A 108 18.88 -2.22 -13.18
CA LYS A 108 19.93 -1.27 -12.83
C LYS A 108 20.31 -1.48 -11.37
N ASP A 109 21.60 -1.37 -11.04
CA ASP A 109 22.06 -1.36 -9.64
C ASP A 109 21.79 0.01 -9.02
N PRO A 110 22.08 0.20 -7.71
CA PRO A 110 21.72 1.49 -7.11
C PRO A 110 22.49 2.71 -7.64
N GLU A 111 23.63 2.45 -8.29
CA GLU A 111 24.46 3.48 -8.92
C GLU A 111 23.92 3.90 -10.28
N GLY A 112 22.92 3.17 -10.80
CA GLY A 112 22.36 3.45 -12.12
C GLY A 112 23.00 2.66 -13.25
N ASN A 113 24.00 1.83 -12.94
CA ASN A 113 24.61 0.96 -13.93
C ASN A 113 23.55 -0.06 -14.39
N ILE A 114 23.44 -0.25 -15.72
CA ILE A 114 22.53 -1.27 -16.27
C ILE A 114 23.27 -2.59 -16.30
N THR A 115 22.71 -3.61 -15.65
CA THR A 115 23.30 -4.95 -15.59
C THR A 115 22.74 -5.74 -16.76
N ASN A 116 23.11 -7.01 -16.85
CA ASN A 116 22.45 -7.92 -17.78
C ASN A 116 21.49 -8.87 -17.07
N TYR A 117 21.01 -8.46 -15.89
CA TYR A 117 20.06 -9.26 -15.14
C TYR A 117 18.63 -8.80 -15.46
N ARG A 118 17.71 -9.74 -15.38
CA ARG A 118 16.31 -9.52 -15.74
C ARG A 118 15.40 -9.57 -14.52
N ILE A 119 14.23 -8.96 -14.64
CA ILE A 119 13.18 -9.04 -13.65
C ILE A 119 12.77 -10.51 -13.49
N PRO A 120 12.85 -11.04 -12.26
CA PRO A 120 12.51 -12.46 -12.04
C PRO A 120 11.04 -12.65 -11.67
N THR A 121 10.51 -13.84 -11.90
CA THR A 121 9.18 -14.15 -11.36
C THR A 121 9.29 -14.55 -9.90
N LEU A 122 8.21 -14.37 -9.15
CA LEU A 122 8.10 -14.91 -7.82
C LEU A 122 8.26 -16.42 -7.81
N GLU A 123 7.68 -17.10 -8.79
CA GLU A 123 7.84 -18.53 -8.89
CA GLU A 123 7.82 -18.56 -8.84
C GLU A 123 9.30 -18.98 -8.96
N GLU A 124 10.09 -18.31 -9.81
CA GLU A 124 11.52 -18.64 -9.91
CA GLU A 124 11.53 -18.58 -9.93
C GLU A 124 12.21 -18.46 -8.57
N ALA A 125 11.84 -17.40 -7.83
CA ALA A 125 12.46 -17.14 -6.56
C ALA A 125 12.10 -18.18 -5.52
N ILE A 126 10.83 -18.58 -5.49
CA ILE A 126 10.35 -19.57 -4.56
C ILE A 126 11.06 -20.91 -4.82
N ARG A 127 11.11 -21.34 -6.09
CA ARG A 127 11.77 -22.60 -6.46
CA ARG A 127 11.74 -22.62 -6.40
C ARG A 127 13.23 -22.63 -6.04
N TRP A 128 13.91 -21.50 -6.23
CA TRP A 128 15.30 -21.35 -5.82
C TRP A 128 15.50 -21.29 -4.32
N ALA A 129 14.57 -20.68 -3.62
CA ALA A 129 14.74 -20.46 -2.18
C ALA A 129 14.65 -21.78 -1.37
N ARG A 130 13.88 -22.75 -1.86
CA ARG A 130 13.61 -23.97 -1.11
CA ARG A 130 13.63 -23.97 -1.10
C ARG A 130 14.94 -24.65 -0.74
N GLY A 131 15.21 -24.81 0.56
CA GLY A 131 16.45 -25.44 1.03
C GLY A 131 17.65 -24.52 1.15
N LYS A 132 17.47 -23.25 0.79
CA LYS A 132 18.52 -22.26 0.92
C LYS A 132 18.21 -21.13 1.89
N THR A 133 16.98 -20.61 1.87
CA THR A 133 16.64 -19.41 2.61
C THR A 133 15.10 -19.34 2.83
N ILE A 134 14.63 -18.22 3.29
CA ILE A 134 13.21 -17.96 3.48
C ILE A 134 12.95 -16.64 2.80
N LEU A 135 11.89 -16.56 2.00
CA LEU A 135 11.48 -15.33 1.40
C LEU A 135 10.36 -14.71 2.23
N ILE A 136 10.28 -13.40 2.23
CA ILE A 136 9.30 -12.66 3.00
C ILE A 136 8.58 -11.71 2.04
N LEU A 137 7.30 -11.94 1.82
CA LEU A 137 6.55 -11.24 0.79
C LEU A 137 5.94 -9.94 1.32
N ASP A 138 6.34 -8.82 0.74
CA ASP A 138 5.66 -7.56 1.00
C ASP A 138 4.40 -7.53 0.09
N LYS A 139 3.57 -6.52 0.24
CA LYS A 139 2.32 -6.39 -0.47
CA LYS A 139 2.38 -6.45 -0.58
C LYS A 139 2.44 -5.22 -1.42
N LYS A 140 2.21 -5.45 -2.72
CA LYS A 140 2.01 -4.39 -3.68
CA LYS A 140 2.00 -4.37 -3.66
C LYS A 140 0.59 -4.56 -4.24
N ASP A 141 0.44 -5.14 -5.45
CA ASP A 141 -0.89 -5.27 -6.04
C ASP A 141 -1.38 -6.72 -6.22
N VAL A 142 -0.68 -7.73 -5.67
CA VAL A 142 -1.21 -9.10 -5.72
C VAL A 142 -2.31 -9.23 -4.65
N PRO A 143 -3.51 -9.71 -5.06
CA PRO A 143 -4.54 -9.90 -4.04
C PRO A 143 -4.10 -10.86 -2.96
N GLU A 145 -5.82 -13.02 -1.32
CA GLU A 145 -6.28 -14.40 -1.54
CA GLU A 145 -6.29 -14.39 -1.57
C GLU A 145 -5.35 -15.15 -2.51
N ARG A 146 -4.82 -14.47 -3.50
CA ARG A 146 -3.94 -15.11 -4.48
C ARG A 146 -2.66 -15.52 -3.81
N THR A 147 -2.10 -14.62 -3.00
CA THR A 147 -0.87 -14.93 -2.27
C THR A 147 -1.10 -16.15 -1.34
N ALA A 148 -2.20 -16.13 -0.58
CA ALA A 148 -2.54 -17.28 0.27
C ALA A 148 -2.56 -18.58 -0.53
N GLN A 149 -3.22 -18.55 -1.69
CA GLN A 149 -3.37 -19.78 -2.47
C GLN A 149 -2.05 -20.24 -3.09
N LEU A 150 -1.23 -19.31 -3.57
CA LEU A 150 0.05 -19.69 -4.19
CA LEU A 150 0.02 -19.72 -4.21
C LEU A 150 0.93 -20.42 -3.18
N ILE A 151 1.07 -19.84 -1.98
CA ILE A 151 1.94 -20.46 -0.97
C ILE A 151 1.39 -21.85 -0.53
N THR A 152 0.07 -21.93 -0.32
CA THR A 152 -0.59 -23.14 0.09
C THR A 152 -0.48 -24.21 -0.99
N ASP A 153 -0.81 -23.84 -2.23
CA ASP A 153 -0.81 -24.81 -3.35
C ASP A 153 0.59 -25.40 -3.59
N GLN A 155 2.90 -25.74 -1.26
CA GLN A 155 3.40 -26.30 0.01
C GLN A 155 4.67 -25.57 0.41
N ALA A 156 4.65 -24.24 0.26
CA ALA A 156 5.83 -23.38 0.47
C ALA A 156 5.82 -22.70 1.83
N GLU A 157 4.89 -23.09 2.70
CA GLU A 157 4.84 -22.48 4.05
C GLU A 157 6.13 -22.47 4.83
N PRO A 158 6.97 -23.52 4.70
CA PRO A 158 8.23 -23.47 5.46
C PRO A 158 9.28 -22.48 4.99
N TYR A 159 9.08 -21.84 3.84
CA TYR A 159 10.10 -20.97 3.28
C TYR A 159 9.58 -19.70 2.61
N VAL A 160 8.28 -19.45 2.70
CA VAL A 160 7.71 -18.19 2.15
C VAL A 160 6.79 -17.61 3.23
N ILE A 162 4.72 -14.22 5.09
CA ILE A 162 3.84 -13.12 4.62
C ILE A 162 3.97 -11.92 5.56
N THR A 163 4.22 -10.74 5.01
CA THR A 163 4.27 -9.52 5.79
C THR A 163 2.85 -9.06 5.99
N VAL A 164 2.52 -8.76 7.25
CA VAL A 164 1.18 -8.28 7.64
C VAL A 164 1.34 -7.04 8.49
N HIS A 165 0.48 -6.08 8.25
CA HIS A 165 0.58 -4.79 8.93
C HIS A 165 -0.25 -4.69 10.21
N ASP A 166 -1.17 -5.60 10.42
CA ASP A 166 -2.03 -5.57 11.61
CA ASP A 166 -2.06 -5.55 11.58
C ASP A 166 -2.64 -6.93 11.83
N GLY A 167 -3.35 -7.06 12.95
CA GLY A 167 -3.89 -8.38 13.28
C GLY A 167 -5.00 -8.87 12.40
N ALA A 168 -5.84 -7.96 11.90
CA ALA A 168 -6.91 -8.35 10.99
C ALA A 168 -6.38 -8.93 9.67
N SER A 169 -5.31 -8.37 9.08
CA SER A 169 -4.71 -8.95 7.89
CA SER A 169 -4.69 -8.94 7.91
CA SER A 169 -4.66 -8.93 7.90
C SER A 169 -4.08 -10.30 8.21
N ALA A 170 -3.43 -10.41 9.38
CA ALA A 170 -2.89 -11.66 9.82
C ALA A 170 -4.00 -12.71 9.97
N ARG A 171 -5.12 -12.31 10.54
CA ARG A 171 -6.20 -13.26 10.74
C ARG A 171 -6.78 -13.77 9.41
N PHE A 172 -6.94 -12.89 8.43
CA PHE A 172 -7.36 -13.32 7.12
C PHE A 172 -6.49 -14.49 6.65
N PHE A 173 -5.16 -14.31 6.68
CA PHE A 173 -4.26 -15.35 6.21
C PHE A 173 -4.27 -16.57 7.13
N TYR A 174 -4.24 -16.35 8.46
CA TYR A 174 -4.09 -17.45 9.41
C TYR A 174 -5.32 -18.42 9.38
N GLU A 175 -6.51 -17.86 9.23
CA GLU A 175 -7.75 -18.62 9.13
C GLU A 175 -7.75 -19.42 7.82
N LYS A 176 -7.15 -18.88 6.76
CA LYS A 176 -7.07 -19.62 5.47
C LYS A 176 -6.06 -20.76 5.53
N ASN A 177 -4.97 -20.54 6.25
CA ASN A 177 -3.96 -21.59 6.40
C ASN A 177 -3.15 -21.37 7.67
N PRO A 178 -3.45 -22.15 8.72
CA PRO A 178 -2.76 -21.90 9.99
C PRO A 178 -1.31 -22.30 10.07
N ASN A 179 -0.77 -22.84 8.99
CA ASN A 179 0.65 -23.13 8.90
C ASN A 179 1.45 -21.95 8.36
N PHE A 180 0.81 -20.84 8.01
CA PHE A 180 1.57 -19.69 7.57
C PHE A 180 2.40 -19.07 8.70
N PHE A 182 4.42 -15.40 9.76
CA PHE A 182 4.28 -14.00 9.47
C PHE A 182 5.49 -13.16 9.86
N GLU A 183 5.75 -12.13 9.05
CA GLU A 183 6.47 -10.94 9.54
C GLU A 183 5.38 -9.91 9.87
N ALA A 184 5.19 -9.63 11.14
CA ALA A 184 4.12 -8.73 11.59
C ALA A 184 4.69 -7.39 12.03
N PHE A 185 4.07 -6.28 11.59
CA PHE A 185 4.40 -4.96 12.11
C PHE A 185 3.93 -4.87 13.55
N VAL A 186 4.86 -4.64 14.47
CA VAL A 186 4.51 -4.55 15.88
C VAL A 186 5.30 -3.43 16.49
N LYS A 187 4.83 -2.20 16.30
CA LYS A 187 5.66 -1.04 16.65
C LYS A 187 5.32 -0.43 18.02
N THR A 188 4.19 -0.84 18.58
CA THR A 188 3.64 -0.31 19.83
C THR A 188 2.97 -1.39 20.71
N LYS A 189 2.77 -1.04 21.99
CA LYS A 189 2.00 -1.86 22.93
C LYS A 189 0.58 -2.14 22.38
N GLU A 190 -0.02 -1.18 21.71
CA GLU A 190 -1.34 -1.40 21.13
C GLU A 190 -1.31 -2.45 20.02
N ALA A 191 -0.22 -2.45 19.25
CA ALA A 191 -0.01 -3.45 18.17
C ALA A 191 0.10 -4.86 18.80
N VAL A 192 0.78 -4.97 19.94
CA VAL A 192 0.91 -6.28 20.60
C VAL A 192 -0.50 -6.80 20.91
N GLN A 193 -1.35 -5.93 21.47
CA GLN A 193 -2.70 -6.29 21.86
C GLN A 193 -3.55 -6.69 20.66
N ASP A 194 -3.41 -5.93 19.58
CA ASP A 194 -4.09 -6.20 18.30
C ASP A 194 -3.90 -7.65 17.83
N TYR A 195 -2.66 -8.13 17.77
CA TYR A 195 -2.47 -9.50 17.33
C TYR A 195 -3.10 -10.50 18.28
N GLU A 196 -3.03 -10.22 19.58
CA GLU A 196 -3.63 -11.10 20.57
C GLU A 196 -5.13 -11.12 20.41
N ASP A 197 -5.73 -9.95 20.19
CA ASP A 197 -7.18 -9.85 20.05
C ASP A 197 -7.66 -10.57 18.79
N ASN A 198 -6.80 -10.66 17.78
CA ASN A 198 -7.11 -11.38 16.55
C ASN A 198 -6.69 -12.85 16.56
N GLY A 199 -6.23 -13.29 17.72
CA GLY A 199 -5.89 -14.71 17.93
C GLY A 199 -4.77 -15.25 17.09
N ILE A 200 -3.77 -14.43 16.74
CA ILE A 200 -2.64 -14.92 15.98
C ILE A 200 -1.61 -15.52 16.93
N PRO A 201 -1.28 -16.80 16.78
CA PRO A 201 -0.26 -17.35 17.69
C PRO A 201 1.07 -16.65 17.58
N TRP A 202 1.68 -16.29 18.71
CA TRP A 202 2.96 -15.63 18.68
C TRP A 202 4.03 -16.56 18.06
N SER A 203 3.83 -17.87 18.18
CA SER A 203 4.73 -18.82 17.56
C SER A 203 4.77 -18.65 16.04
N HIS A 204 3.73 -18.07 15.47
CA HIS A 204 3.71 -17.81 14.02
C HIS A 204 4.10 -16.38 13.60
N ILE A 205 4.70 -15.64 14.53
CA ILE A 205 5.09 -14.27 14.36
C ILE A 205 6.61 -14.02 14.59
N ALA A 207 8.59 -10.22 14.50
CA ALA A 207 8.08 -8.85 14.55
C ALA A 207 9.01 -7.81 13.98
N TYR A 208 8.46 -6.98 13.10
CA TYR A 208 9.10 -5.79 12.61
C TYR A 208 8.71 -4.67 13.58
N VAL A 209 9.71 -4.11 14.28
CA VAL A 209 9.44 -3.09 15.28
C VAL A 209 9.83 -1.66 14.84
N GLY A 210 10.25 -1.49 13.58
CA GLY A 210 10.45 -0.14 13.06
C GLY A 210 11.86 0.12 12.58
N PRO A 211 12.14 1.38 12.27
CA PRO A 211 13.41 1.76 11.67
C PRO A 211 14.42 2.27 12.66
N LYS A 212 14.06 2.33 13.94
CA LYS A 212 14.90 2.92 14.94
C LYS A 212 14.56 2.42 16.32
N ILE A 213 15.55 2.47 17.20
CA ILE A 213 15.40 2.11 18.58
C ILE A 213 15.15 3.34 19.44
N THR A 214 14.14 3.22 20.31
CA THR A 214 13.78 4.26 21.29
C THR A 214 13.44 3.50 22.57
N PRO A 215 13.42 4.19 23.72
CA PRO A 215 12.96 3.51 24.95
C PRO A 215 11.57 2.83 24.79
N GLU A 216 10.64 3.47 24.07
CA GLU A 216 9.30 2.88 23.84
CA GLU A 216 9.33 2.86 23.90
C GLU A 216 9.41 1.57 23.06
N VAL A 217 10.24 1.58 22.01
CA VAL A 217 10.41 0.40 21.16
C VAL A 217 11.16 -0.68 21.94
N ARG A 218 12.12 -0.28 22.79
CA ARG A 218 12.73 -1.26 23.68
C ARG A 218 11.74 -2.01 24.63
N GLU A 219 10.76 -1.29 25.13
CA GLU A 219 9.72 -1.86 25.96
C GLU A 219 8.92 -2.87 25.15
N VAL A 220 8.57 -2.52 23.91
CA VAL A 220 7.87 -3.47 23.02
C VAL A 220 8.72 -4.71 22.78
N ILE A 221 10.03 -4.52 22.57
CA ILE A 221 10.91 -5.65 22.33
C ILE A 221 10.95 -6.58 23.53
N ASP A 222 11.00 -6.02 24.75
CA ASP A 222 10.95 -6.81 25.99
C ASP A 222 9.64 -7.61 26.10
N LEU A 224 7.74 -8.55 23.61
CA LEU A 224 7.76 -9.53 22.53
C LEU A 224 8.72 -10.69 22.84
N HIS A 225 9.89 -10.36 23.39
CA HIS A 225 10.79 -11.44 23.84
C HIS A 225 10.12 -12.35 24.87
N GLU A 226 9.31 -11.79 25.80
CA GLU A 226 8.57 -12.57 26.83
CA GLU A 226 8.64 -12.61 26.82
C GLU A 226 7.62 -13.55 26.17
N ARG A 227 7.08 -13.14 25.03
CA ARG A 227 6.16 -13.96 24.23
C ARG A 227 6.86 -14.88 23.23
N GLY A 228 8.19 -14.95 23.27
CA GLY A 228 8.95 -15.81 22.37
C GLY A 228 9.19 -15.28 20.97
N VAL A 229 9.02 -13.96 20.82
CA VAL A 229 9.05 -13.34 19.51
C VAL A 229 10.36 -12.59 19.24
N CYS A 231 12.65 -9.87 17.18
CA CYS A 231 12.37 -8.49 16.77
C CYS A 231 13.41 -7.95 15.76
N ILE A 233 14.72 -4.70 13.38
CA ILE A 233 14.84 -3.30 12.93
C ILE A 233 15.20 -3.25 11.46
N SER A 234 14.55 -2.34 10.71
CA SER A 234 14.93 -2.11 9.34
C SER A 234 15.76 -0.86 9.31
N THR A 235 16.99 -1.01 8.82
CA THR A 235 17.93 0.09 8.67
C THR A 235 17.81 0.77 7.29
N ALA A 236 16.90 0.28 6.44
CA ALA A 236 16.83 0.81 5.08
C ALA A 236 16.58 2.31 5.06
N PRO A 237 15.65 2.81 5.87
CA PRO A 237 15.43 4.28 5.84
C PRO A 237 16.35 5.07 6.75
N SER A 238 17.06 4.34 7.59
CA SER A 238 17.77 4.96 8.71
C SER A 238 19.27 4.71 8.57
N ASP A 239 19.82 3.74 9.28
CA ASP A 239 21.28 3.60 9.33
C ASP A 239 21.94 3.25 8.02
N ASP A 240 21.22 2.63 7.07
CA ASP A 240 21.79 2.35 5.75
C ASP A 240 22.21 3.62 5.02
N LYS A 241 21.66 4.77 5.43
CA LYS A 241 21.82 6.03 4.74
CA LYS A 241 21.86 6.00 4.72
C LYS A 241 23.00 6.84 5.31
N LEU A 242 23.64 6.33 6.36
CA LEU A 242 24.80 7.01 6.91
C LEU A 242 25.90 7.07 5.85
N SER A 243 26.77 8.09 5.87
CA SER A 243 27.61 8.42 4.72
CA SER A 243 27.61 8.43 4.72
C SER A 243 28.82 7.52 4.50
N THR A 244 29.33 6.89 5.55
CA THR A 244 30.53 6.05 5.45
C THR A 244 30.26 4.61 5.88
N PRO A 245 31.00 3.64 5.31
CA PRO A 245 30.87 2.26 5.81
C PRO A 245 31.20 2.13 7.29
N GLU A 246 32.12 2.92 7.81
CA GLU A 246 32.49 2.83 9.21
C GLU A 246 31.36 3.25 10.12
N SER A 247 30.67 4.34 9.77
CA SER A 247 29.54 4.82 10.57
CA SER A 247 29.55 4.82 10.56
CA SER A 247 29.52 4.84 10.54
C SER A 247 28.40 3.82 10.47
N ARG A 248 28.18 3.26 9.27
CA ARG A 248 27.14 2.24 9.14
C ARG A 248 27.46 1.02 10.02
N ALA A 249 28.71 0.59 10.07
CA ALA A 249 29.11 -0.58 10.85
C ALA A 249 28.92 -0.41 12.31
N GLU A 250 29.28 0.76 12.81
CA GLU A 250 29.03 1.09 14.22
CA GLU A 250 29.03 1.13 14.21
C GLU A 250 27.55 1.01 14.53
N ALA A 251 26.72 1.54 13.62
CA ALA A 251 25.29 1.57 13.81
C ALA A 251 24.69 0.15 13.85
N TYR A 252 25.14 -0.74 12.97
CA TYR A 252 24.65 -2.10 12.96
C TYR A 252 25.01 -2.83 14.26
N ARG A 253 26.24 -2.66 14.71
CA ARG A 253 26.61 -3.22 16.03
C ARG A 253 25.80 -2.67 17.19
N ILE A 255 22.76 -1.66 17.15
CA ILE A 255 21.44 -2.28 17.11
C ILE A 255 21.47 -3.64 17.79
N ILE A 256 22.48 -4.46 17.50
CA ILE A 256 22.59 -5.77 18.13
C ILE A 256 22.84 -5.62 19.67
N ARG A 257 23.67 -4.67 20.04
CA ARG A 257 24.00 -4.45 21.46
C ARG A 257 22.76 -4.04 22.26
N GLN A 258 21.79 -3.41 21.58
CA GLN A 258 20.53 -2.97 22.21
CA GLN A 258 20.54 -2.97 22.22
C GLN A 258 19.52 -4.12 22.38
N GLY A 259 19.83 -5.29 21.87
CA GLY A 259 19.02 -6.52 22.11
C GLY A 259 18.15 -6.94 20.94
N VAL A 260 18.26 -6.19 19.85
CA VAL A 260 17.50 -6.49 18.61
C VAL A 260 18.08 -7.77 17.97
N ASP A 261 17.18 -8.58 17.41
CA ASP A 261 17.48 -9.95 16.96
C ASP A 261 17.83 -10.02 15.49
N ILE A 262 17.17 -9.16 14.70
CA ILE A 262 17.27 -9.25 13.26
C ILE A 262 17.45 -7.82 12.72
N ILE A 263 18.42 -7.66 11.81
CA ILE A 263 18.55 -6.41 11.03
C ILE A 263 18.11 -6.65 9.59
N GLU A 264 17.10 -5.91 9.14
CA GLU A 264 16.75 -5.84 7.71
C GLU A 264 17.42 -4.63 7.08
N SER A 265 18.15 -4.87 5.98
CA SER A 265 19.02 -3.86 5.40
C SER A 265 19.12 -3.97 3.91
N ASP A 266 19.33 -2.81 3.25
CA ASP A 266 19.68 -2.79 1.84
C ASP A 266 21.14 -3.23 1.64
N ARG A 267 21.89 -3.29 2.75
CA ARG A 267 23.31 -3.59 2.74
C ARG A 267 23.65 -4.81 3.61
N PRO A 268 22.98 -5.95 3.34
CA PRO A 268 23.16 -7.12 4.23
C PRO A 268 24.59 -7.64 4.39
N ILE A 269 25.41 -7.49 3.36
CA ILE A 269 26.82 -7.91 3.40
C ILE A 269 27.58 -7.01 4.33
N GLU A 270 27.29 -5.71 4.30
CA GLU A 270 27.94 -4.79 5.24
C GLU A 270 27.50 -5.12 6.66
N VAL A 271 26.22 -5.44 6.83
CA VAL A 271 25.70 -5.81 8.14
C VAL A 271 26.47 -7.03 8.65
N ALA A 272 26.62 -8.03 7.78
CA ALA A 272 27.34 -9.26 8.15
C ALA A 272 28.75 -8.97 8.56
N GLU A 273 29.49 -8.20 7.77
CA GLU A 273 30.86 -7.84 8.14
C GLU A 273 30.94 -7.07 9.45
N ALA A 274 29.98 -6.16 9.68
CA ALA A 274 30.01 -5.32 10.89
C ALA A 274 29.74 -6.13 12.17
N ILE A 275 28.83 -7.09 12.11
CA ILE A 275 28.38 -7.83 13.28
C ILE A 275 29.02 -9.20 13.43
N SER A 276 29.97 -9.55 12.55
CA SER A 276 30.58 -10.90 12.56
C SER A 276 31.14 -11.25 13.95
N SER A 277 31.78 -10.27 14.58
CA SER A 277 32.39 -10.48 15.91
C SER A 277 31.38 -10.65 17.03
N LEU A 278 30.10 -10.39 16.75
CA LEU A 278 29.01 -10.55 17.70
C LEU A 278 28.28 -11.92 17.54
N ILE A 279 28.65 -12.71 16.56
CA ILE A 279 28.00 -14.00 16.27
C ILE A 279 28.58 -14.98 17.26
N PRO A 280 27.72 -15.53 18.11
CA PRO A 280 28.21 -16.46 19.12
C PRO A 280 28.74 -17.77 18.50
N VAL A 281 29.76 -18.36 19.11
CA VAL A 281 30.28 -19.65 18.66
C VAL A 281 29.29 -20.79 19.00
N SER A 282 28.72 -20.76 20.21
CA SER A 282 27.73 -21.77 20.67
C SER A 282 26.29 -21.22 20.79
N SER A 283 25.33 -21.93 20.21
CA SER A 283 23.94 -21.47 20.23
C SER A 283 22.98 -22.60 19.90
N SER A 284 21.85 -22.63 20.59
CA SER A 284 20.74 -23.52 20.26
C SER A 284 20.26 -23.35 18.83
N LYS A 285 20.61 -22.24 18.20
CA LYS A 285 20.18 -21.97 16.82
C LYS A 285 21.22 -22.34 15.77
N GLY A 286 22.37 -22.81 16.21
CA GLY A 286 23.47 -23.18 15.28
C GLY A 286 23.05 -24.23 14.27
N LYS A 287 22.16 -25.12 14.67
CA LYS A 287 21.73 -26.23 13.82
C LYS A 287 21.00 -25.80 12.54
N PHE A 288 20.48 -24.58 12.52
CA PHE A 288 19.73 -24.08 11.38
C PHE A 288 20.58 -23.52 10.24
N PHE A 289 21.89 -23.54 10.39
CA PHE A 289 22.79 -22.91 9.42
C PHE A 289 23.70 -23.94 8.80
N SER A 290 23.90 -23.83 7.51
CA SER A 290 24.79 -24.73 6.77
C SER A 290 25.33 -24.02 5.52
N THR A 291 25.92 -24.79 4.61
CA THR A 291 26.44 -24.25 3.37
C THR A 291 26.11 -25.21 2.23
N LEU A 292 26.06 -24.65 1.04
CA LEU A 292 25.75 -25.38 -0.16
C LEU A 292 26.97 -25.11 -1.02
N GLY B 8 -19.62 29.47 -13.86
CA GLY B 8 -18.69 29.07 -12.72
C GLY B 8 -18.49 27.56 -12.46
N ASN B 10 -19.98 23.78 -10.36
CA ASN B 10 -20.91 22.98 -9.59
C ASN B 10 -20.34 22.71 -8.20
N THR B 11 -21.14 22.89 -7.18
CA THR B 11 -20.70 22.68 -5.81
C THR B 11 -21.66 21.79 -5.04
N LEU B 12 -21.12 21.14 -4.02
CA LEU B 12 -21.89 20.44 -3.04
C LEU B 12 -22.00 21.38 -1.85
N GLN B 13 -23.18 21.40 -1.25
CA GLN B 13 -23.52 22.30 -0.18
CA GLN B 13 -23.60 22.30 -0.20
C GLN B 13 -23.67 21.47 1.10
N ILE B 14 -22.53 21.30 1.77
CA ILE B 14 -22.45 20.45 2.98
C ILE B 14 -21.82 21.30 4.11
N SER B 15 -22.61 21.66 5.11
CA SER B 15 -22.15 22.62 6.09
C SER B 15 -21.47 22.05 7.31
N ASN B 16 -21.76 20.80 7.62
CA ASN B 16 -21.26 20.16 8.84
C ASN B 16 -21.32 18.64 8.64
N VAL B 17 -20.89 17.90 9.66
CA VAL B 17 -20.89 16.44 9.59
C VAL B 17 -22.32 15.86 9.44
N ASP B 18 -23.32 16.46 10.10
CA ASP B 18 -24.69 15.98 9.90
C ASP B 18 -25.14 16.09 8.45
N ASP B 19 -24.76 17.16 7.79
CA ASP B 19 -25.08 17.29 6.35
C ASP B 19 -24.38 16.25 5.51
N LEU B 20 -23.12 15.95 5.83
CA LEU B 20 -22.35 14.93 5.12
C LEU B 20 -22.98 13.55 5.30
N ILE B 21 -23.32 13.20 6.53
CA ILE B 21 -24.02 11.96 6.79
C ILE B 21 -25.34 11.88 5.99
N SER B 22 -26.11 12.96 6.01
CA SER B 22 -27.37 12.95 5.30
C SER B 22 -27.15 12.84 3.79
N PHE B 23 -26.15 13.53 3.27
CA PHE B 23 -25.80 13.41 1.84
C PHE B 23 -25.60 11.95 1.43
N TYR B 24 -24.89 11.22 2.25
CA TYR B 24 -24.59 9.81 1.98
C TYR B 24 -25.60 8.78 2.52
N GLN B 25 -26.74 9.24 3.04
CA GLN B 25 -27.80 8.33 3.47
C GLN B 25 -28.53 7.91 2.19
N TYR B 26 -28.41 6.61 1.86
CA TYR B 26 -29.08 6.06 0.67
C TYR B 26 -30.56 6.42 0.71
N ALA B 27 -31.09 6.82 -0.44
CA ALA B 27 -32.52 6.97 -0.64
C ALA B 27 -32.80 6.54 -2.07
N ASP B 28 -33.97 5.98 -2.29
CA ASP B 28 -34.37 5.48 -3.57
CA ASP B 28 -34.37 5.46 -3.57
C ASP B 28 -34.43 6.58 -4.64
N ASP B 29 -34.62 7.83 -4.22
CA ASP B 29 -34.64 8.96 -5.17
C ASP B 29 -33.33 9.71 -5.22
N ARG B 30 -32.25 9.04 -4.81
CA ARG B 30 -30.91 9.63 -4.87
C ARG B 30 -30.59 10.22 -6.26
N ILE B 31 -29.71 11.21 -6.25
CA ILE B 31 -29.03 11.68 -7.47
C ILE B 31 -27.76 10.85 -7.66
N PRO B 32 -27.63 10.18 -8.82
CA PRO B 32 -26.36 9.46 -9.07
C PRO B 32 -25.17 10.41 -8.94
N LEU B 33 -24.12 9.92 -8.30
CA LEU B 33 -22.97 10.73 -7.95
C LEU B 33 -21.75 10.29 -8.75
N ILE B 34 -20.84 11.24 -8.92
CA ILE B 34 -19.60 11.02 -9.63
C ILE B 34 -18.43 11.43 -8.74
N SER B 35 -17.40 10.58 -8.75
CA SER B 35 -16.17 10.84 -8.00
C SER B 35 -15.00 10.74 -8.99
N GLY B 36 -14.08 11.70 -8.95
CA GLY B 36 -12.91 11.67 -9.78
C GLY B 36 -11.81 10.85 -9.18
N HIS B 37 -11.51 9.73 -9.79
CA HIS B 37 -10.47 8.83 -9.37
C HIS B 37 -9.14 9.51 -9.54
N ARG B 38 -8.34 9.53 -8.48
CA ARG B 38 -7.05 10.25 -8.50
C ARG B 38 -7.30 11.68 -8.97
N GLY B 39 -8.49 12.23 -8.65
CA GLY B 39 -8.88 13.54 -9.08
C GLY B 39 -9.52 13.74 -10.43
N GLY B 40 -9.61 12.68 -11.25
CA GLY B 40 -9.95 12.81 -12.67
C GLY B 40 -8.74 13.26 -13.48
N ARG B 41 -8.77 13.01 -14.78
CA ARG B 41 -7.69 13.39 -15.64
C ARG B 41 -8.14 13.54 -17.09
N GLY B 42 -7.30 14.12 -17.92
CA GLY B 42 -7.64 14.33 -19.30
C GLY B 42 -6.56 15.11 -19.98
N LYS B 43 -6.76 15.38 -21.26
CA LYS B 43 -5.74 16.09 -22.05
C LYS B 43 -5.56 17.46 -21.39
N GLY B 44 -4.32 17.78 -20.99
CA GLY B 44 -4.02 19.05 -20.32
C GLY B 44 -4.36 19.10 -18.85
N TYR B 45 -4.86 18.00 -18.31
CA TYR B 45 -5.38 17.92 -16.94
C TYR B 45 -4.83 16.69 -16.22
N PRO B 46 -3.71 16.86 -15.53
CA PRO B 46 -3.14 15.72 -14.85
C PRO B 46 -3.95 15.19 -13.63
N GLU B 47 -3.71 13.95 -13.27
CA GLU B 47 -4.15 13.40 -11.98
C GLU B 47 -3.64 14.24 -10.83
N ASN B 48 -4.42 14.26 -9.76
CA ASN B 48 -3.99 14.82 -8.50
C ASN B 48 -3.50 16.26 -8.67
N SER B 49 -4.30 17.02 -9.38
CA SER B 49 -3.96 18.43 -9.64
CA SER B 49 -3.98 18.42 -9.73
C SER B 49 -5.13 19.37 -9.34
N GLU B 51 -5.90 21.99 -10.80
CA GLU B 51 -6.47 22.47 -12.05
C GLU B 51 -7.50 21.49 -12.59
N THR B 52 -7.18 20.21 -12.50
CA THR B 52 -8.12 19.18 -12.91
C THR B 52 -9.35 19.13 -12.03
N PHE B 53 -9.21 19.32 -10.71
CA PHE B 53 -10.39 19.34 -9.85
C PHE B 53 -11.33 20.47 -10.30
N GLU B 54 -10.76 21.66 -10.47
CA GLU B 54 -11.51 22.86 -10.89
C GLU B 54 -12.20 22.67 -12.26
N ASN B 55 -11.47 22.14 -13.22
CA ASN B 55 -12.02 21.86 -14.57
C ASN B 55 -13.23 20.96 -14.45
N THR B 56 -13.08 19.87 -13.68
CA THR B 56 -14.15 18.87 -13.52
C THR B 56 -15.43 19.56 -13.00
N LEU B 57 -15.33 20.40 -11.96
CA LEU B 57 -16.52 21.06 -11.43
C LEU B 57 -17.22 22.00 -12.40
N SER B 58 -16.53 22.49 -13.41
CA SER B 58 -17.18 23.34 -14.41
CA SER B 58 -17.21 23.36 -14.37
C SER B 58 -18.21 22.56 -15.21
N TYR B 59 -18.02 21.24 -15.30
CA TYR B 59 -18.90 20.35 -16.04
C TYR B 59 -19.87 19.53 -15.19
N THR B 60 -19.50 19.13 -13.97
CA THR B 60 -20.33 18.29 -13.15
C THR B 60 -20.05 18.53 -11.66
N PRO B 61 -21.07 18.39 -10.77
CA PRO B 61 -20.66 18.22 -9.39
C PRO B 61 -19.92 16.92 -9.26
N ALA B 62 -19.00 16.86 -8.31
CA ALA B 62 -18.24 15.66 -8.08
C ALA B 62 -17.50 15.74 -6.77
N THR B 63 -17.14 14.59 -6.23
CA THR B 63 -16.16 14.44 -5.17
C THR B 63 -14.82 14.04 -5.83
N PHE B 64 -13.72 14.10 -5.09
CA PHE B 64 -12.42 13.74 -5.63
C PHE B 64 -11.69 12.81 -4.69
N GLU B 65 -11.34 11.65 -5.21
CA GLU B 65 -10.53 10.67 -4.52
CA GLU B 65 -10.52 10.70 -4.43
C GLU B 65 -9.06 10.99 -4.83
N ILE B 66 -8.23 11.21 -3.80
CA ILE B 66 -6.88 11.74 -4.01
C ILE B 66 -5.86 10.89 -3.27
N ASP B 67 -4.58 11.08 -3.63
CA ASP B 67 -3.47 10.24 -3.14
C ASP B 67 -2.46 10.97 -2.26
N PRO B 68 -2.71 11.04 -0.97
CA PRO B 68 -1.75 11.75 -0.10
C PRO B 68 -0.50 10.92 0.12
N ARG B 69 0.65 11.57 0.05
CA ARG B 69 1.89 10.92 0.39
C ARG B 69 2.91 11.93 0.91
N LEU B 70 3.95 11.38 1.51
CA LEU B 70 4.92 12.16 2.26
C LEU B 70 6.13 12.62 1.45
N THR B 71 6.48 13.87 1.62
CA THR B 71 7.74 14.37 1.12
C THR B 71 8.88 13.97 2.11
N LYS B 72 10.11 14.27 1.74
CA LYS B 72 11.25 13.99 2.64
C LYS B 72 11.12 14.69 4.02
N ASP B 73 10.58 15.90 4.00
CA ASP B 73 10.36 16.68 5.23
C ASP B 73 8.96 16.52 5.85
N SER B 74 8.26 15.46 5.46
CA SER B 74 6.99 15.07 6.09
C SER B 74 5.85 16.04 5.82
N VAL B 75 5.88 16.67 4.65
CA VAL B 75 4.76 17.44 4.13
C VAL B 75 3.90 16.50 3.32
N ILE B 76 2.58 16.63 3.46
CA ILE B 76 1.65 15.76 2.69
C ILE B 76 1.34 16.43 1.34
N VAL B 77 1.67 15.72 0.24
CA VAL B 77 1.31 16.16 -1.10
C VAL B 77 0.44 15.13 -1.82
N LEU B 78 -0.15 15.52 -2.95
CA LEU B 78 -0.99 14.59 -3.71
C LEU B 78 -0.24 14.08 -4.94
N PHE B 79 -0.01 12.76 -5.02
CA PHE B 79 0.74 12.13 -6.06
C PHE B 79 0.55 10.62 -5.93
N HIS B 80 0.06 9.99 -6.99
CA HIS B 80 -0.30 8.56 -6.86
C HIS B 80 0.93 7.65 -6.72
N ASP B 81 1.83 7.73 -7.66
CA ASP B 81 2.86 6.69 -7.73
C ASP B 81 3.92 6.89 -6.67
N ASP B 82 4.61 5.83 -6.28
CA ASP B 82 5.69 6.05 -5.34
C ASP B 82 6.91 6.79 -6.02
N THR B 83 7.04 6.65 -7.34
CA THR B 83 8.10 7.33 -8.09
C THR B 83 7.49 8.35 -9.07
N LEU B 84 8.31 9.29 -9.52
CA LEU B 84 7.82 10.54 -10.15
C LEU B 84 7.56 10.55 -11.66
N GLU B 85 8.07 9.54 -12.36
CA GLU B 85 8.21 9.65 -13.83
C GLU B 85 6.93 9.62 -14.64
N ARG B 86 5.87 8.99 -14.17
CA ARG B 86 4.69 8.80 -15.02
C ARG B 86 3.87 10.08 -15.11
N THR B 87 3.62 10.73 -13.97
CA THR B 87 2.77 11.92 -13.98
C THR B 87 3.53 13.19 -13.63
N SER B 88 4.86 13.17 -13.71
CA SER B 88 5.66 14.42 -13.59
C SER B 88 6.95 14.34 -14.38
N ASN B 89 7.65 15.46 -14.49
CA ASN B 89 9.01 15.47 -14.99
C ASN B 89 10.11 15.17 -13.95
N GLY B 90 9.72 14.74 -12.75
CA GLY B 90 10.70 14.37 -11.73
C GLY B 90 11.29 12.97 -11.96
N THR B 91 12.40 12.70 -11.29
CA THR B 91 12.96 11.35 -11.27
CA THR B 91 13.06 11.39 -11.29
C THR B 91 13.15 10.92 -9.82
N GLY B 92 13.00 9.62 -9.56
CA GLY B 92 13.15 9.12 -8.20
C GLY B 92 11.82 9.14 -7.46
N LYS B 93 11.88 9.01 -6.15
CA LYS B 93 10.73 8.90 -5.26
C LYS B 93 10.32 10.28 -4.80
N VAL B 94 9.02 10.49 -4.62
CA VAL B 94 8.51 11.68 -3.98
C VAL B 94 9.20 11.90 -2.61
N SER B 95 9.40 10.83 -1.86
CA SER B 95 10.01 10.94 -0.52
C SER B 95 11.49 11.26 -0.53
N ASP B 96 12.15 11.33 -1.71
CA ASP B 96 13.55 11.78 -1.88
CA ASP B 96 13.55 11.74 -1.73
C ASP B 96 13.69 13.27 -1.79
N TYR B 97 12.57 13.97 -2.02
CA TYR B 97 12.57 15.42 -2.15
C TYR B 97 11.80 16.11 -1.05
N THR B 98 12.31 17.27 -0.61
CA THR B 98 11.52 18.10 0.27
C THR B 98 10.48 18.79 -0.56
N TRP B 99 9.48 19.34 0.10
CA TRP B 99 8.39 20.05 -0.54
C TRP B 99 8.99 21.16 -1.43
N GLU B 100 9.93 21.94 -0.90
CA GLU B 100 10.55 23.04 -1.72
C GLU B 100 11.15 22.53 -3.04
N GLU B 101 11.83 21.40 -2.98
CA GLU B 101 12.39 20.79 -4.17
C GLU B 101 11.32 20.27 -5.12
N LEU B 102 10.31 19.61 -4.57
CA LEU B 102 9.24 19.06 -5.41
C LEU B 102 8.49 20.14 -6.18
N GLN B 103 8.37 21.34 -5.63
CA GLN B 103 7.62 22.43 -6.28
CA GLN B 103 7.55 22.35 -6.32
C GLN B 103 8.23 22.86 -7.60
N ASN B 104 9.50 22.51 -7.81
CA ASN B 104 10.20 22.82 -9.04
C ASN B 104 9.76 21.91 -10.20
N PHE B 105 9.23 20.73 -9.90
CA PHE B 105 8.76 19.81 -10.96
C PHE B 105 7.40 20.25 -11.49
N ARG B 106 6.97 19.62 -12.55
CA ARG B 106 5.70 19.87 -13.19
C ARG B 106 5.03 18.56 -13.61
N LEU B 107 3.72 18.62 -13.57
CA LEU B 107 2.86 17.50 -13.82
C LEU B 107 2.67 17.22 -15.30
N LYS B 108 2.59 15.93 -15.63
CA LYS B 108 2.21 15.46 -16.96
C LYS B 108 0.77 14.98 -17.02
N ASP B 109 0.07 15.26 -18.10
CA ASP B 109 -1.25 14.70 -18.35
C ASP B 109 -1.13 13.22 -18.81
N PRO B 110 -2.26 12.53 -19.07
CA PRO B 110 -2.16 11.07 -19.30
C PRO B 110 -1.43 10.72 -20.58
N GLU B 111 -1.31 11.68 -21.50
CA GLU B 111 -0.63 11.42 -22.75
CA GLU B 111 -0.63 11.49 -22.76
C GLU B 111 0.89 11.72 -22.65
N GLY B 112 1.32 12.23 -21.49
CA GLY B 112 2.75 12.51 -21.25
C GLY B 112 3.13 13.94 -21.54
N ASN B 113 2.14 14.80 -21.82
CA ASN B 113 2.45 16.22 -22.08
C ASN B 113 2.75 16.94 -20.77
N ILE B 114 3.87 17.65 -20.69
CA ILE B 114 4.25 18.38 -19.45
C ILE B 114 3.43 19.66 -19.40
N THR B 115 2.76 19.88 -18.27
CA THR B 115 1.97 21.10 -18.05
C THR B 115 2.79 22.11 -17.23
N ASN B 116 2.19 23.27 -16.94
CA ASN B 116 2.83 24.21 -15.97
C ASN B 116 2.17 24.13 -14.59
N TYR B 117 1.59 22.96 -14.30
CA TYR B 117 0.94 22.73 -13.01
C TYR B 117 1.85 21.95 -12.07
N ARG B 118 1.78 22.31 -10.80
CA ARG B 118 2.62 21.74 -9.76
C ARG B 118 1.91 20.63 -8.99
N ILE B 119 2.71 19.82 -8.34
CA ILE B 119 2.24 18.88 -7.33
C ILE B 119 1.64 19.68 -6.16
N PRO B 120 0.36 19.45 -5.86
CA PRO B 120 -0.25 20.21 -4.79
C PRO B 120 -0.04 19.57 -3.44
N THR B 121 -0.09 20.39 -2.40
CA THR B 121 -0.23 19.85 -1.06
C THR B 121 -1.64 19.43 -0.75
N LEU B 122 -1.79 18.50 0.17
CA LEU B 122 -3.11 18.18 0.68
C LEU B 122 -3.74 19.40 1.30
N GLU B 123 -2.96 20.18 2.06
CA GLU B 123 -3.48 21.40 2.66
C GLU B 123 -4.13 22.35 1.67
N GLU B 124 -3.46 22.65 0.59
CA GLU B 124 -4.02 23.53 -0.44
CA GLU B 124 -4.02 23.51 -0.48
C GLU B 124 -5.36 22.94 -0.97
N ALA B 125 -5.37 21.65 -1.21
CA ALA B 125 -6.58 20.98 -1.71
C ALA B 125 -7.72 21.07 -0.71
N ILE B 126 -7.41 20.87 0.57
CA ILE B 126 -8.41 20.96 1.64
C ILE B 126 -8.95 22.38 1.69
N ARG B 127 -8.06 23.38 1.69
CA ARG B 127 -8.56 24.74 1.78
CA ARG B 127 -8.44 24.81 1.70
CA ARG B 127 -8.54 24.76 1.77
C ARG B 127 -9.43 25.10 0.59
N TRP B 128 -9.08 24.61 -0.60
CA TRP B 128 -9.88 24.86 -1.84
C TRP B 128 -11.22 24.12 -1.80
N ALA B 129 -11.22 22.90 -1.26
CA ALA B 129 -12.41 22.04 -1.32
C ALA B 129 -13.54 22.53 -0.42
N ARG B 130 -13.21 23.23 0.65
CA ARG B 130 -14.21 23.67 1.61
C ARG B 130 -15.29 24.55 0.93
N GLY B 131 -16.55 24.10 0.97
CA GLY B 131 -17.67 24.81 0.37
C GLY B 131 -17.91 24.42 -1.07
N LYS B 132 -17.05 23.56 -1.63
CA LYS B 132 -17.18 23.21 -3.05
C LYS B 132 -17.47 21.72 -3.25
N THR B 133 -16.76 20.86 -2.50
CA THR B 133 -16.75 19.45 -2.76
C THR B 133 -16.34 18.69 -1.50
N ILE B 134 -16.17 17.37 -1.65
CA ILE B 134 -15.65 16.47 -0.62
CA ILE B 134 -15.64 16.49 -0.61
C ILE B 134 -14.41 15.77 -1.19
N LEU B 135 -13.33 15.72 -0.42
CA LEU B 135 -12.13 15.00 -0.80
C LEU B 135 -12.17 13.64 -0.11
N ILE B 136 -11.69 12.60 -0.80
CA ILE B 136 -11.67 11.25 -0.26
C ILE B 136 -10.19 10.78 -0.27
N LEU B 137 -9.62 10.52 0.92
CA LEU B 137 -8.20 10.22 1.02
C LEU B 137 -7.91 8.75 0.85
N ASP B 138 -7.19 8.38 -0.20
CA ASP B 138 -6.69 7.01 -0.29
C ASP B 138 -5.52 6.87 0.70
N LYS B 139 -5.05 5.64 0.87
CA LYS B 139 -3.91 5.29 1.73
CA LYS B 139 -3.88 5.39 1.71
C LYS B 139 -2.70 4.99 0.85
N LYS B 140 -1.65 5.83 0.93
CA LYS B 140 -0.33 5.54 0.36
C LYS B 140 0.64 5.39 1.54
N ASP B 141 1.47 6.37 1.84
CA ASP B 141 2.40 6.21 2.93
C ASP B 141 2.21 7.14 4.10
N VAL B 142 1.11 7.91 4.14
CA VAL B 142 0.83 8.72 5.32
C VAL B 142 0.22 7.77 6.37
N PRO B 143 0.85 7.66 7.55
CA PRO B 143 0.28 6.81 8.60
C PRO B 143 -1.10 7.31 9.05
N GLU B 145 -2.33 7.65 12.00
CA GLU B 145 -2.33 8.65 13.09
CA GLU B 145 -2.33 8.65 13.09
C GLU B 145 -2.23 10.08 12.53
N ARG B 146 -1.39 10.25 11.53
CA ARG B 146 -1.14 11.57 10.95
C ARG B 146 -2.36 12.07 10.19
N THR B 147 -2.99 11.17 9.44
CA THR B 147 -4.24 11.50 8.75
C THR B 147 -5.34 11.90 9.70
N ALA B 148 -5.50 11.15 10.78
CA ALA B 148 -6.50 11.50 11.78
C ALA B 148 -6.25 12.89 12.35
N GLN B 149 -4.99 13.17 12.68
CA GLN B 149 -4.65 14.48 13.19
C GLN B 149 -4.93 15.60 12.25
N LEU B 150 -4.55 15.45 10.99
CA LEU B 150 -4.66 16.60 10.11
CA LEU B 150 -4.68 16.55 10.04
C LEU B 150 -6.14 16.96 9.89
N ILE B 151 -7.02 15.97 9.74
CA ILE B 151 -8.44 16.23 9.51
C ILE B 151 -9.01 16.88 10.75
N THR B 152 -8.66 16.33 11.89
CA THR B 152 -9.19 16.80 13.13
C THR B 152 -8.70 18.23 13.40
N ASP B 153 -7.40 18.47 13.24
CA ASP B 153 -6.79 19.79 13.52
C ASP B 153 -7.42 20.89 12.66
N GLN B 155 -10.50 20.82 11.42
CA GLN B 155 -11.96 20.72 11.54
C GLN B 155 -12.55 20.42 10.14
N ALA B 156 -11.89 19.54 9.40
CA ALA B 156 -12.29 19.21 8.03
C ALA B 156 -13.15 17.94 7.91
N GLU B 157 -13.68 17.43 9.02
CA GLU B 157 -14.54 16.23 8.96
C GLU B 157 -15.72 16.32 7.99
N PRO B 158 -16.34 17.51 7.84
CA PRO B 158 -17.47 17.63 6.89
C PRO B 158 -17.09 17.53 5.42
N TYR B 159 -15.81 17.61 5.09
CA TYR B 159 -15.42 17.64 3.66
C TYR B 159 -14.17 16.81 3.30
N VAL B 160 -13.67 16.04 4.26
CA VAL B 160 -12.53 15.15 3.98
C VAL B 160 -12.79 13.78 4.58
N ILE B 162 -12.17 9.46 4.66
CA ILE B 162 -11.00 8.55 4.73
C ILE B 162 -11.36 7.23 4.09
N THR B 163 -10.54 6.73 3.17
CA THR B 163 -10.76 5.40 2.63
C THR B 163 -10.18 4.37 3.57
N VAL B 164 -10.96 3.33 3.83
CA VAL B 164 -10.57 2.23 4.74
C VAL B 164 -10.92 0.94 4.12
N HIS B 165 -9.98 0.00 4.21
CA HIS B 165 -10.08 -1.27 3.54
C HIS B 165 -10.80 -2.35 4.30
N ASP B 166 -10.98 -2.16 5.60
CA ASP B 166 -11.65 -3.12 6.44
CA ASP B 166 -11.58 -3.14 6.48
C ASP B 166 -12.10 -2.48 7.76
N GLY B 167 -12.83 -3.24 8.54
CA GLY B 167 -13.45 -2.74 9.79
C GLY B 167 -12.43 -2.35 10.84
N ALA B 168 -11.32 -3.05 10.88
CA ALA B 168 -10.28 -2.72 11.82
C ALA B 168 -9.69 -1.33 11.58
N SER B 169 -9.44 -0.98 10.32
CA SER B 169 -8.92 0.35 9.96
CA SER B 169 -8.90 0.35 10.01
CA SER B 169 -8.91 0.34 9.96
C SER B 169 -9.95 1.42 10.28
N ALA B 170 -11.20 1.16 9.93
CA ALA B 170 -12.27 2.04 10.26
C ALA B 170 -12.29 2.28 11.77
N ARG B 171 -12.17 1.20 12.55
CA ARG B 171 -12.26 1.32 14.00
CA ARG B 171 -12.24 1.30 14.01
C ARG B 171 -11.14 2.18 14.58
N PHE B 172 -9.93 2.04 14.02
CA PHE B 172 -8.79 2.87 14.47
C PHE B 172 -9.16 4.36 14.36
N PHE B 173 -9.67 4.75 13.19
CA PHE B 173 -10.09 6.13 12.97
C PHE B 173 -11.29 6.55 13.83
N TYR B 174 -12.32 5.71 13.88
CA TYR B 174 -13.57 6.03 14.51
C TYR B 174 -13.35 6.23 16.02
N GLU B 175 -12.45 5.44 16.59
CA GLU B 175 -12.09 5.63 18.00
CA GLU B 175 -11.99 5.57 18.00
C GLU B 175 -11.35 6.94 18.23
N LYS B 176 -10.55 7.38 17.26
CA LYS B 176 -9.85 8.67 17.36
C LYS B 176 -10.83 9.84 17.24
N ASN B 177 -11.74 9.75 16.28
CA ASN B 177 -12.71 10.83 16.05
C ASN B 177 -14.00 10.24 15.44
N PRO B 178 -15.07 10.15 16.26
CA PRO B 178 -16.30 9.52 15.78
C PRO B 178 -17.08 10.41 14.81
N ASN B 179 -16.54 11.60 14.50
CA ASN B 179 -17.11 12.42 13.42
C ASN B 179 -16.58 12.12 12.03
N PHE B 180 -15.61 11.22 11.90
CA PHE B 180 -15.05 10.94 10.54
C PHE B 180 -16.08 10.19 9.70
N PHE B 182 -16.38 7.73 6.19
CA PHE B 182 -15.54 6.74 5.52
C PHE B 182 -16.05 6.35 4.16
N GLU B 183 -15.10 6.15 3.25
CA GLU B 183 -15.29 5.29 2.09
C GLU B 183 -14.70 3.93 2.46
N ALA B 184 -15.59 2.96 2.67
CA ALA B 184 -15.23 1.63 3.14
C ALA B 184 -15.26 0.64 2.01
N PHE B 185 -14.27 -0.23 1.94
CA PHE B 185 -14.30 -1.37 0.95
C PHE B 185 -15.29 -2.39 1.48
N VAL B 186 -16.33 -2.70 0.70
CA VAL B 186 -17.37 -3.67 1.14
C VAL B 186 -17.75 -4.48 -0.10
N LYS B 187 -16.96 -5.51 -0.38
CA LYS B 187 -17.05 -6.24 -1.66
C LYS B 187 -17.78 -7.57 -1.52
N THR B 188 -18.06 -8.01 -0.27
CA THR B 188 -18.66 -9.32 0.05
C THR B 188 -19.57 -9.26 1.28
N LYS B 189 -20.43 -10.27 1.48
CA LYS B 189 -21.23 -10.38 2.70
C LYS B 189 -20.33 -10.42 3.95
N GLU B 190 -19.16 -11.07 3.86
CA GLU B 190 -18.24 -11.13 4.99
C GLU B 190 -17.75 -9.72 5.37
N ALA B 191 -17.52 -8.88 4.36
CA ALA B 191 -17.10 -7.52 4.62
C ALA B 191 -18.19 -6.70 5.30
N VAL B 192 -19.48 -6.90 4.95
CA VAL B 192 -20.59 -6.26 5.65
C VAL B 192 -20.51 -6.57 7.13
N GLN B 193 -20.25 -7.85 7.44
CA GLN B 193 -20.26 -8.30 8.83
C GLN B 193 -19.05 -7.73 9.59
N ASP B 194 -17.95 -7.53 8.90
CA ASP B 194 -16.71 -7.01 9.48
C ASP B 194 -16.94 -5.62 10.09
N TYR B 195 -17.58 -4.74 9.31
CA TYR B 195 -17.89 -3.39 9.82
C TYR B 195 -18.85 -3.42 11.04
N GLU B 196 -19.85 -4.29 11.00
CA GLU B 196 -20.76 -4.43 12.15
C GLU B 196 -20.04 -4.98 13.41
N ASP B 197 -19.18 -5.97 13.21
CA ASP B 197 -18.42 -6.57 14.32
C ASP B 197 -17.47 -5.55 14.93
N ASN B 198 -16.98 -4.62 14.10
CA ASN B 198 -16.11 -3.53 14.60
C ASN B 198 -16.87 -2.28 15.11
N GLY B 199 -18.19 -2.33 15.11
CA GLY B 199 -19.00 -1.27 15.74
C GLY B 199 -19.03 0.04 14.96
N ILE B 200 -18.81 -0.04 13.66
CA ILE B 200 -18.77 1.17 12.84
C ILE B 200 -20.18 1.49 12.38
N PRO B 201 -20.71 2.67 12.75
CA PRO B 201 -22.06 2.96 12.30
C PRO B 201 -22.18 3.09 10.78
N TRP B 202 -23.22 2.51 10.20
CA TRP B 202 -23.40 2.60 8.74
C TRP B 202 -23.65 4.04 8.27
N SER B 203 -24.18 4.88 9.16
CA SER B 203 -24.35 6.28 8.85
C SER B 203 -23.04 6.97 8.53
N HIS B 204 -21.93 6.40 8.99
CA HIS B 204 -20.60 6.96 8.64
C HIS B 204 -19.86 6.28 7.49
N ILE B 205 -20.59 5.52 6.69
CA ILE B 205 -20.00 4.77 5.62
C ILE B 205 -20.69 5.00 4.29
N ALA B 207 -19.95 2.99 0.58
CA ALA B 207 -19.29 1.69 0.27
C ALA B 207 -18.69 1.66 -1.15
N TYR B 208 -17.43 1.29 -1.24
CA TYR B 208 -16.77 0.93 -2.50
C TYR B 208 -16.96 -0.57 -2.68
N VAL B 209 -17.68 -0.94 -3.74
CA VAL B 209 -18.05 -2.34 -3.96
C VAL B 209 -17.27 -3.02 -5.09
N GLY B 210 -16.33 -2.28 -5.70
CA GLY B 210 -15.38 -2.88 -6.61
C GLY B 210 -15.44 -2.30 -8.00
N PRO B 211 -14.73 -2.93 -8.96
CA PRO B 211 -14.60 -2.41 -10.31
C PRO B 211 -15.65 -2.93 -11.30
N LYS B 212 -16.53 -3.80 -10.85
CA LYS B 212 -17.46 -4.45 -11.76
C LYS B 212 -18.68 -4.96 -11.02
N ILE B 213 -19.80 -5.03 -11.74
CA ILE B 213 -21.03 -5.57 -11.18
C ILE B 213 -21.13 -7.07 -11.50
N THR B 214 -21.39 -7.87 -10.47
CA THR B 214 -21.64 -9.30 -10.63
C THR B 214 -22.88 -9.59 -9.78
N PRO B 215 -23.53 -10.76 -9.94
CA PRO B 215 -24.63 -11.08 -9.03
C PRO B 215 -24.29 -10.98 -7.54
N GLU B 216 -23.08 -11.43 -7.14
CA GLU B 216 -22.67 -11.38 -5.74
CA GLU B 216 -22.71 -11.39 -5.73
C GLU B 216 -22.61 -9.93 -5.25
N VAL B 217 -22.07 -9.05 -6.08
CA VAL B 217 -21.95 -7.65 -5.75
C VAL B 217 -23.34 -7.02 -5.71
N ARG B 218 -24.22 -7.34 -6.67
CA ARG B 218 -25.61 -6.82 -6.60
C ARG B 218 -26.31 -7.21 -5.30
N GLU B 219 -26.04 -8.40 -4.80
CA GLU B 219 -26.61 -8.84 -3.53
C GLU B 219 -26.07 -7.99 -2.36
N VAL B 220 -24.76 -7.72 -2.36
CA VAL B 220 -24.17 -6.84 -1.35
C VAL B 220 -24.73 -5.42 -1.47
N ILE B 221 -24.87 -4.91 -2.69
CA ILE B 221 -25.52 -3.59 -2.86
C ILE B 221 -26.93 -3.56 -2.25
N ASP B 222 -27.73 -4.59 -2.50
CA ASP B 222 -29.04 -4.69 -1.87
C ASP B 222 -28.97 -4.59 -0.32
N LEU B 224 -26.54 -3.41 1.47
CA LEU B 224 -26.06 -2.10 1.91
C LEU B 224 -27.14 -1.04 1.79
N HIS B 225 -27.91 -1.04 0.69
CA HIS B 225 -29.06 -0.14 0.57
C HIS B 225 -30.01 -0.26 1.76
N GLU B 226 -30.24 -1.51 2.21
CA GLU B 226 -31.12 -1.79 3.34
CA GLU B 226 -31.12 -1.78 3.34
C GLU B 226 -30.58 -1.09 4.59
N ARG B 227 -29.27 -1.00 4.67
CA ARG B 227 -28.58 -0.35 5.79
C ARG B 227 -28.35 1.15 5.60
N GLY B 228 -28.90 1.71 4.52
CA GLY B 228 -28.80 3.14 4.22
C GLY B 228 -27.49 3.58 3.61
N VAL B 229 -26.77 2.62 3.01
CA VAL B 229 -25.44 2.84 2.46
C VAL B 229 -25.47 2.93 0.95
N CYS B 231 -23.55 2.97 -2.67
CA CYS B 231 -22.54 2.05 -3.21
C CYS B 231 -21.91 2.58 -4.49
N ILE B 233 -19.04 1.97 -7.69
CA ILE B 233 -18.22 1.17 -8.59
C ILE B 233 -17.09 2.09 -9.10
N SER B 234 -15.86 1.62 -9.13
CA SER B 234 -14.76 2.29 -9.80
C SER B 234 -14.62 1.72 -11.20
N THR B 235 -14.77 2.60 -12.18
CA THR B 235 -14.57 2.25 -13.58
C THR B 235 -13.11 2.44 -14.06
N ALA B 236 -12.25 2.91 -13.17
CA ALA B 236 -10.90 3.22 -13.56
C ALA B 236 -10.14 2.03 -14.19
N PRO B 237 -10.22 0.82 -13.60
CA PRO B 237 -9.51 -0.31 -14.27
C PRO B 237 -10.33 -1.05 -15.30
N SER B 238 -11.60 -0.66 -15.41
CA SER B 238 -12.58 -1.48 -16.09
C SER B 238 -13.18 -0.62 -17.23
N ASP B 239 -14.36 -0.03 -17.03
CA ASP B 239 -15.09 0.61 -18.14
C ASP B 239 -14.35 1.85 -18.72
N ASP B 240 -13.56 2.53 -17.89
CA ASP B 240 -12.75 3.66 -18.39
C ASP B 240 -11.80 3.23 -19.50
N LYS B 241 -11.43 1.94 -19.56
CA LYS B 241 -10.47 1.46 -20.52
C LYS B 241 -11.08 1.02 -21.84
N LEU B 242 -12.42 1.09 -21.96
CA LEU B 242 -13.08 0.78 -23.25
C LEU B 242 -12.58 1.78 -24.32
N SER B 243 -12.59 1.35 -25.58
CA SER B 243 -11.80 2.03 -26.61
CA SER B 243 -11.81 2.03 -26.61
C SER B 243 -12.43 3.32 -27.16
N THR B 244 -13.74 3.46 -27.07
CA THR B 244 -14.40 4.63 -27.66
C THR B 244 -15.25 5.36 -26.66
N PRO B 245 -15.46 6.67 -26.87
CA PRO B 245 -16.32 7.37 -25.92
C PRO B 245 -17.75 6.83 -25.91
N GLU B 246 -18.21 6.32 -27.05
CA GLU B 246 -19.58 5.80 -27.13
C GLU B 246 -19.75 4.54 -26.29
N SER B 247 -18.78 3.62 -26.36
CA SER B 247 -18.81 2.39 -25.58
CA SER B 247 -18.85 2.39 -25.56
CA SER B 247 -18.87 2.39 -25.57
C SER B 247 -18.74 2.72 -24.09
N ARG B 248 -17.88 3.68 -23.75
CA ARG B 248 -17.74 4.08 -22.35
C ARG B 248 -19.07 4.68 -21.84
N ALA B 249 -19.72 5.51 -22.63
CA ALA B 249 -20.98 6.12 -22.22
C ALA B 249 -22.09 5.09 -21.98
N GLU B 250 -22.19 4.09 -22.84
CA GLU B 250 -23.13 3.00 -22.61
C GLU B 250 -22.82 2.28 -21.30
N ALA B 251 -21.53 2.06 -21.04
CA ALA B 251 -21.09 1.37 -19.86
C ALA B 251 -21.45 2.13 -18.58
N TYR B 252 -21.28 3.45 -18.59
CA TYR B 252 -21.57 4.26 -17.40
C TYR B 252 -23.10 4.21 -17.15
N ARG B 253 -23.91 4.33 -18.18
CA ARG B 253 -25.35 4.23 -18.02
C ARG B 253 -25.76 2.88 -17.47
N ILE B 255 -24.17 0.91 -15.51
CA ILE B 255 -23.83 0.86 -14.09
C ILE B 255 -24.95 1.46 -13.25
N ILE B 256 -25.42 2.63 -13.66
CA ILE B 256 -26.52 3.27 -12.92
C ILE B 256 -27.82 2.45 -13.08
N ARG B 257 -28.04 1.89 -14.25
CA ARG B 257 -29.24 1.06 -14.49
C ARG B 257 -29.30 -0.18 -13.57
N GLN B 258 -28.12 -0.66 -13.19
CA GLN B 258 -27.97 -1.84 -12.34
CA GLN B 258 -28.01 -1.84 -12.33
C GLN B 258 -28.08 -1.46 -10.85
N GLY B 259 -28.32 -0.17 -10.56
CA GLY B 259 -28.64 0.27 -9.19
C GLY B 259 -27.51 0.85 -8.37
N VAL B 260 -26.35 1.03 -8.99
CA VAL B 260 -25.22 1.57 -8.31
C VAL B 260 -25.44 3.07 -8.13
N ASP B 261 -24.97 3.64 -7.02
CA ASP B 261 -25.24 5.06 -6.66
C ASP B 261 -24.16 6.02 -7.15
N ILE B 262 -22.95 5.54 -7.16
CA ILE B 262 -21.79 6.39 -7.42
C ILE B 262 -20.84 5.72 -8.38
N ILE B 263 -20.34 6.49 -9.36
CA ILE B 263 -19.29 6.02 -10.24
C ILE B 263 -18.03 6.81 -9.95
N GLU B 264 -16.96 6.10 -9.61
CA GLU B 264 -15.63 6.70 -9.53
C GLU B 264 -14.86 6.41 -10.81
N SER B 265 -14.36 7.47 -11.44
CA SER B 265 -13.80 7.37 -12.76
C SER B 265 -12.64 8.29 -13.01
N ASP B 266 -11.73 7.84 -13.90
CA ASP B 266 -10.66 8.71 -14.41
C ASP B 266 -11.22 9.73 -15.39
N ARG B 267 -12.46 9.52 -15.84
CA ARG B 267 -13.11 10.30 -16.89
C ARG B 267 -14.39 10.88 -16.39
N PRO B 268 -14.35 11.63 -15.27
CA PRO B 268 -15.63 12.05 -14.67
C PRO B 268 -16.54 12.96 -15.53
N ILE B 269 -15.95 13.74 -16.44
CA ILE B 269 -16.73 14.57 -17.35
C ILE B 269 -17.45 13.71 -18.33
N GLU B 270 -16.78 12.67 -18.83
CA GLU B 270 -17.51 11.72 -19.70
C GLU B 270 -18.62 11.01 -18.92
N VAL B 271 -18.38 10.62 -17.68
CA VAL B 271 -19.44 9.96 -16.90
C VAL B 271 -20.66 10.91 -16.79
N ALA B 272 -20.41 12.18 -16.51
CA ALA B 272 -21.45 13.17 -16.36
C ALA B 272 -22.27 13.33 -17.62
N GLU B 273 -21.58 13.50 -18.74
CA GLU B 273 -22.29 13.62 -20.00
C GLU B 273 -23.13 12.36 -20.32
N ALA B 274 -22.59 11.19 -19.98
CA ALA B 274 -23.29 9.92 -20.22
C ALA B 274 -24.56 9.70 -19.41
N ILE B 275 -24.51 10.07 -18.13
CA ILE B 275 -25.57 9.73 -17.16
C ILE B 275 -26.51 10.91 -16.88
N SER B 276 -26.27 12.04 -17.49
CA SER B 276 -27.10 13.23 -17.24
CA SER B 276 -27.11 13.24 -17.30
C SER B 276 -28.60 12.95 -17.51
N SER B 277 -28.89 12.13 -18.50
CA SER B 277 -30.25 11.74 -18.82
C SER B 277 -30.93 10.82 -17.79
N LEU B 278 -30.15 10.34 -16.82
CA LEU B 278 -30.64 9.47 -15.73
C LEU B 278 -30.81 10.21 -14.43
N ILE B 279 -30.54 11.48 -14.40
CA ILE B 279 -30.60 12.22 -13.11
C ILE B 279 -32.08 12.55 -12.81
N PRO B 280 -32.57 12.17 -11.60
CA PRO B 280 -33.95 12.50 -11.29
C PRO B 280 -34.24 14.00 -11.31
N VAL B 281 -35.37 14.40 -11.84
CA VAL B 281 -35.69 15.83 -11.86
C VAL B 281 -36.15 16.35 -10.48
N SER B 282 -36.71 15.46 -9.65
CA SER B 282 -37.05 15.81 -8.27
C SER B 282 -36.42 14.81 -7.30
N SER B 283 -35.72 15.30 -6.29
CA SER B 283 -34.98 14.39 -5.40
C SER B 283 -34.78 15.00 -4.03
N SER B 284 -34.95 14.19 -2.97
CA SER B 284 -34.58 14.55 -1.60
C SER B 284 -33.14 15.04 -1.49
N LYS B 285 -32.31 14.75 -2.48
CA LYS B 285 -30.91 15.14 -2.49
C LYS B 285 -30.62 16.42 -3.26
N GLY B 286 -31.62 16.98 -3.93
CA GLY B 286 -31.43 18.22 -4.71
C GLY B 286 -30.81 19.37 -3.93
N LYS B 287 -31.21 19.48 -2.66
CA LYS B 287 -30.72 20.54 -1.78
C LYS B 287 -29.21 20.61 -1.59
N PHE B 288 -28.51 19.52 -1.86
CA PHE B 288 -27.04 19.47 -1.65
C PHE B 288 -26.22 19.97 -2.84
N PHE B 289 -26.89 20.37 -3.92
CA PHE B 289 -26.24 20.81 -5.14
C PHE B 289 -26.51 22.29 -5.41
N SER B 290 -25.44 23.02 -5.66
CA SER B 290 -25.52 24.40 -6.08
C SER B 290 -24.41 24.75 -7.08
N THR B 291 -24.26 26.04 -7.34
CA THR B 291 -23.26 26.55 -8.26
CA THR B 291 -23.30 26.58 -8.29
C THR B 291 -22.56 27.74 -7.63
N LEU B 292 -21.26 27.87 -7.89
CA LEU B 292 -20.44 28.97 -7.43
C LEU B 292 -20.05 29.75 -8.67
#